data_2ZGO
#
_entry.id   2ZGO
#
_cell.length_a   40.660
_cell.length_b   42.850
_cell.length_c   55.970
_cell.angle_alpha   101.88
_cell.angle_beta   98.72
_cell.angle_gamma   117.24
#
_symmetry.space_group_name_H-M   'P 1'
#
loop_
_entity.id
_entity.type
_entity.pdbx_description
1 polymer 'Anti-tumor lectin'
2 branched beta-D-galactopyranose-(1-4)-beta-D-glucopyranose
3 water water
#
_entity_poly.entity_id   1
_entity_poly.type   'polypeptide(L)'
_entity_poly.pdbx_seq_one_letter_code
;MQGVNIYNISAGTSVDLAAPVTTGDIVTFFSSALNLNAGAGNPNNTTLNLFAENGAYLLQIAFRLQENVIIFNSRQPDGP
WLVEQRVSDVANQFAGIDGKAMVTVFDHGDKYQVVINEKTVIQYTKQISGLTSSLSYNATEETSIFSTVVEAVTYTGLAL
EHHHHHH
;
_entity_poly.pdbx_strand_id   A,B
#
loop_
_chem_comp.id
_chem_comp.type
_chem_comp.name
_chem_comp.formula
BGC D-saccharide, beta linking beta-D-glucopyranose 'C6 H12 O6'
GAL D-saccharide, beta linking beta-D-galactopyranose 'C6 H12 O6'
#
# COMPACT_ATOMS: atom_id res chain seq x y z
N MET A 1 14.44 -1.88 9.69
CA MET A 1 13.12 -1.38 10.14
C MET A 1 12.20 -1.14 8.94
N GLN A 2 10.90 -1.03 9.21
CA GLN A 2 9.91 -0.79 8.17
C GLN A 2 10.06 0.60 7.56
N GLY A 3 9.83 0.69 6.26
CA GLY A 3 9.93 1.96 5.59
C GLY A 3 9.05 1.99 4.36
N VAL A 4 8.67 3.18 3.93
CA VAL A 4 7.83 3.36 2.76
C VAL A 4 8.57 4.22 1.75
N ASN A 5 8.67 3.74 0.52
CA ASN A 5 9.33 4.50 -0.53
C ASN A 5 8.33 4.69 -1.66
N ILE A 6 8.32 5.88 -2.24
CA ILE A 6 7.39 6.20 -3.30
C ILE A 6 8.13 6.53 -4.59
N TYR A 7 7.67 5.94 -5.68
CA TYR A 7 8.28 6.17 -6.98
C TYR A 7 7.18 6.45 -8.01
N ASN A 8 7.34 7.51 -8.78
CA ASN A 8 6.36 7.83 -9.82
C ASN A 8 7.02 7.46 -11.12
N ILE A 9 6.56 6.35 -11.70
CA ILE A 9 7.14 5.83 -12.94
C ILE A 9 6.38 6.15 -14.22
N SER A 10 6.98 6.97 -15.08
CA SER A 10 6.35 7.31 -16.36
C SER A 10 6.42 6.08 -17.26
N ALA A 11 5.44 5.95 -18.15
CA ALA A 11 5.39 4.83 -19.07
C ALA A 11 6.65 4.76 -19.92
N GLY A 12 7.29 3.61 -19.93
CA GLY A 12 8.50 3.43 -20.71
C GLY A 12 9.78 3.73 -19.96
N THR A 13 9.69 3.83 -18.63
CA THR A 13 10.86 4.10 -17.81
C THR A 13 10.96 3.08 -16.67
N SER A 14 12.06 3.13 -15.94
CA SER A 14 12.28 2.22 -14.82
C SER A 14 13.00 3.01 -13.75
N VAL A 15 13.02 2.49 -12.52
CA VAL A 15 13.71 3.19 -11.44
C VAL A 15 14.38 2.21 -10.51
N ASP A 16 15.50 2.63 -9.91
CA ASP A 16 16.20 1.78 -8.96
C ASP A 16 15.57 2.06 -7.62
N LEU A 17 15.42 1.02 -6.80
CA LEU A 17 14.82 1.20 -5.49
C LEU A 17 15.85 1.70 -4.49
N ALA A 18 15.41 2.58 -3.59
CA ALA A 18 16.28 3.11 -2.56
C ALA A 18 16.45 1.98 -1.54
N ALA A 19 15.43 1.14 -1.46
CA ALA A 19 15.45 -0.02 -0.56
C ALA A 19 14.94 -1.21 -1.35
N PRO A 20 15.77 -2.24 -1.51
CA PRO A 20 15.39 -3.45 -2.25
C PRO A 20 14.18 -4.18 -1.70
N VAL A 21 13.43 -4.81 -2.59
CA VAL A 21 12.27 -5.58 -2.17
C VAL A 21 12.73 -7.02 -1.99
N THR A 22 12.53 -7.55 -0.79
CA THR A 22 12.95 -8.92 -0.52
C THR A 22 11.80 -9.71 0.10
N THR A 23 12.09 -10.95 0.49
CA THR A 23 11.08 -11.81 1.08
C THR A 23 10.37 -11.10 2.23
N GLY A 24 9.04 -11.14 2.19
CA GLY A 24 8.25 -10.50 3.21
C GLY A 24 7.87 -9.08 2.83
N ASP A 25 8.45 -8.57 1.75
CA ASP A 25 8.16 -7.19 1.33
C ASP A 25 7.02 -7.08 0.33
N ILE A 26 6.53 -5.86 0.16
CA ILE A 26 5.39 -5.61 -0.73
C ILE A 26 5.58 -4.37 -1.60
N VAL A 27 5.04 -4.43 -2.81
CA VAL A 27 5.08 -3.31 -3.72
C VAL A 27 3.70 -3.20 -4.38
N THR A 28 3.18 -1.98 -4.46
CA THR A 28 1.89 -1.78 -5.10
C THR A 28 2.01 -0.67 -6.14
N PHE A 29 1.53 -0.96 -7.34
CA PHE A 29 1.56 0.02 -8.42
C PHE A 29 0.15 0.59 -8.47
N PHE A 30 0.05 1.92 -8.43
CA PHE A 30 -1.23 2.59 -8.45
C PHE A 30 -1.43 3.33 -9.77
N SER A 31 -2.54 3.06 -10.45
CA SER A 31 -2.84 3.74 -11.70
C SER A 31 -4.08 4.62 -11.54
N SER A 32 -4.00 5.83 -12.06
CA SER A 32 -5.10 6.78 -11.95
C SER A 32 -6.06 6.67 -13.12
N ALA A 33 -5.95 5.58 -13.86
CA ALA A 33 -6.84 5.35 -15.01
C ALA A 33 -6.90 3.85 -15.32
N LEU A 34 -7.98 3.44 -15.97
CA LEU A 34 -8.14 2.05 -16.39
C LEU A 34 -8.73 2.10 -17.80
N ASN A 35 -7.88 1.93 -18.80
CA ASN A 35 -8.29 1.99 -20.21
C ASN A 35 -8.45 0.60 -20.79
N LEU A 36 -9.57 -0.06 -20.50
CA LEU A 36 -9.84 -1.41 -20.99
C LEU A 36 -10.14 -1.45 -22.48
N ASN A 37 -10.10 -0.30 -23.14
CA ASN A 37 -10.38 -0.23 -24.57
C ASN A 37 -9.21 0.38 -25.33
N ALA A 38 -8.04 0.42 -24.70
CA ALA A 38 -6.84 0.98 -25.32
C ALA A 38 -6.45 0.28 -26.63
N GLY A 39 -5.50 0.86 -27.34
CA GLY A 39 -5.06 0.27 -28.59
C GLY A 39 -4.58 -1.15 -28.45
N ALA A 40 -4.27 -1.80 -29.57
CA ALA A 40 -3.79 -3.17 -29.57
C ALA A 40 -2.35 -3.24 -29.05
N GLY A 41 -2.07 -4.26 -28.25
CA GLY A 41 -0.72 -4.43 -27.72
C GLY A 41 0.20 -4.95 -28.80
N ASN A 42 1.50 -5.00 -28.54
CA ASN A 42 2.43 -5.49 -29.54
C ASN A 42 3.49 -6.45 -28.99
N PRO A 43 3.06 -7.51 -28.28
CA PRO A 43 1.68 -7.89 -27.94
C PRO A 43 1.24 -7.35 -26.59
N ASN A 44 2.11 -6.65 -25.89
CA ASN A 44 1.77 -6.12 -24.58
C ASN A 44 1.18 -4.72 -24.61
N ASN A 45 0.13 -4.51 -23.81
CA ASN A 45 -0.46 -3.18 -23.71
C ASN A 45 0.32 -2.49 -22.60
N THR A 46 0.61 -3.27 -21.56
CA THR A 46 1.33 -2.78 -20.39
C THR A 46 2.13 -3.92 -19.75
N THR A 47 3.30 -3.58 -19.22
CA THR A 47 4.13 -4.56 -18.53
C THR A 47 4.60 -3.89 -17.24
N LEU A 48 4.59 -4.66 -16.16
CA LEU A 48 5.06 -4.19 -14.86
C LEU A 48 6.14 -5.21 -14.57
N ASN A 49 7.35 -4.73 -14.27
CA ASN A 49 8.45 -5.66 -14.05
C ASN A 49 9.27 -5.42 -12.79
N LEU A 50 9.69 -6.51 -12.17
CA LEU A 50 10.55 -6.46 -11.00
C LEU A 50 11.90 -6.99 -11.49
N PHE A 51 12.93 -6.15 -11.45
CA PHE A 51 14.25 -6.55 -11.90
C PHE A 51 15.27 -6.84 -10.81
N ALA A 52 16.12 -7.83 -11.05
CA ALA A 52 17.19 -8.17 -10.14
C ALA A 52 18.35 -7.26 -10.53
N GLU A 53 19.37 -7.15 -9.69
CA GLU A 53 20.50 -6.28 -10.01
C GLU A 53 21.19 -6.61 -11.33
N ASN A 54 21.11 -7.87 -11.75
CA ASN A 54 21.75 -8.28 -13.00
C ASN A 54 20.81 -8.05 -14.20
N GLY A 55 19.65 -7.45 -13.94
CA GLY A 55 18.72 -7.17 -15.02
C GLY A 55 17.73 -8.27 -15.31
N ALA A 56 17.83 -9.36 -14.57
CA ALA A 56 16.90 -10.47 -14.77
C ALA A 56 15.48 -10.02 -14.45
N TYR A 57 14.53 -10.55 -15.22
CA TYR A 57 13.12 -10.25 -15.00
C TYR A 57 12.68 -11.24 -13.91
N LEU A 58 12.72 -10.79 -12.64
CA LEU A 58 12.29 -11.65 -11.53
C LEU A 58 10.82 -11.98 -11.76
N LEU A 59 10.09 -10.96 -12.18
CA LEU A 59 8.68 -11.12 -12.46
C LEU A 59 8.17 -10.04 -13.38
N GLN A 60 7.46 -10.45 -14.42
CA GLN A 60 6.85 -9.48 -15.32
C GLN A 60 5.36 -9.74 -15.32
N ILE A 61 4.57 -8.70 -15.20
CA ILE A 61 3.12 -8.82 -15.26
C ILE A 61 2.78 -8.12 -16.58
N ALA A 62 2.39 -8.88 -17.60
CA ALA A 62 2.09 -8.32 -18.90
C ALA A 62 0.61 -8.38 -19.20
N PHE A 63 0.02 -7.22 -19.48
CA PHE A 63 -1.40 -7.14 -19.79
C PHE A 63 -1.66 -7.06 -21.29
N ARG A 64 -2.47 -7.98 -21.78
CA ARG A 64 -2.80 -8.05 -23.21
C ARG A 64 -4.31 -8.05 -23.40
N LEU A 65 -4.84 -6.94 -23.89
CA LEU A 65 -6.26 -6.79 -24.12
C LEU A 65 -6.75 -7.61 -25.31
N GLN A 66 -6.00 -7.55 -26.42
CA GLN A 66 -6.36 -8.27 -27.65
C GLN A 66 -6.40 -9.77 -27.40
N GLU A 67 -5.35 -10.29 -26.77
CA GLU A 67 -5.26 -11.71 -26.45
C GLU A 67 -6.06 -11.97 -25.17
N ASN A 68 -6.54 -10.87 -24.58
CA ASN A 68 -7.36 -10.91 -23.35
C ASN A 68 -6.76 -11.83 -22.29
N VAL A 69 -5.57 -11.48 -21.80
CA VAL A 69 -4.90 -12.32 -20.82
C VAL A 69 -3.81 -11.54 -20.09
N ILE A 70 -3.47 -12.01 -18.89
CA ILE A 70 -2.43 -11.40 -18.09
C ILE A 70 -1.36 -12.47 -17.95
N ILE A 71 -0.17 -12.20 -18.49
CA ILE A 71 0.92 -13.15 -18.46
C ILE A 71 1.91 -12.86 -17.35
N PHE A 72 2.27 -13.91 -16.61
CA PHE A 72 3.27 -13.78 -15.54
C PHE A 72 4.40 -14.68 -16.00
N ASN A 73 5.61 -14.14 -16.06
CA ASN A 73 6.76 -14.93 -16.50
C ASN A 73 8.05 -14.33 -15.94
N SER A 74 9.17 -15.01 -16.16
CA SER A 74 10.48 -14.54 -15.69
C SER A 74 11.52 -14.97 -16.74
N ARG A 75 12.72 -14.43 -16.64
CA ARG A 75 13.82 -14.80 -17.53
C ARG A 75 15.09 -14.06 -17.17
N GLN A 76 16.22 -14.68 -17.48
CA GLN A 76 17.52 -14.06 -17.22
C GLN A 76 17.72 -12.98 -18.27
N PRO A 77 18.59 -12.00 -17.99
CA PRO A 77 18.83 -10.91 -18.94
C PRO A 77 19.27 -11.39 -20.32
N ASP A 78 19.97 -12.53 -20.35
CA ASP A 78 20.45 -13.12 -21.58
C ASP A 78 19.92 -14.54 -21.76
N GLY A 79 18.79 -14.83 -21.12
CA GLY A 79 18.20 -16.16 -21.21
C GLY A 79 16.81 -16.09 -21.79
N PRO A 80 16.26 -17.22 -22.25
CA PRO A 80 14.92 -17.20 -22.82
C PRO A 80 13.80 -17.03 -21.79
N TRP A 81 12.69 -16.47 -22.24
CA TRP A 81 11.53 -16.31 -21.37
C TRP A 81 11.18 -17.71 -20.91
N LEU A 82 10.87 -17.85 -19.62
CA LEU A 82 10.55 -19.15 -19.05
C LEU A 82 9.11 -19.58 -19.22
N VAL A 83 8.61 -20.43 -18.32
CA VAL A 83 7.24 -20.93 -18.43
C VAL A 83 6.20 -19.90 -18.04
N GLU A 84 5.36 -19.53 -18.99
CA GLU A 84 4.32 -18.53 -18.74
C GLU A 84 3.20 -19.08 -17.88
N GLN A 85 2.65 -18.22 -17.04
CA GLN A 85 1.50 -18.58 -16.22
C GLN A 85 0.48 -17.53 -16.70
N ARG A 86 -0.68 -17.99 -17.14
CA ARG A 86 -1.68 -17.07 -17.67
C ARG A 86 -2.98 -16.96 -16.88
N VAL A 87 -3.58 -15.77 -16.93
CA VAL A 87 -4.87 -15.49 -16.29
C VAL A 87 -5.75 -14.86 -17.38
N SER A 88 -6.76 -15.58 -17.84
CA SER A 88 -7.66 -15.07 -18.89
C SER A 88 -8.65 -14.03 -18.39
N ASP A 89 -9.10 -13.17 -19.32
CA ASP A 89 -10.07 -12.11 -19.05
C ASP A 89 -9.49 -10.96 -18.22
N VAL A 90 -8.82 -10.04 -18.91
CA VAL A 90 -8.19 -8.90 -18.23
C VAL A 90 -9.21 -8.04 -17.49
N ALA A 91 -10.29 -7.69 -18.19
CA ALA A 91 -11.34 -6.85 -17.61
C ALA A 91 -11.94 -7.43 -16.32
N ASN A 92 -12.18 -8.73 -16.30
CA ASN A 92 -12.76 -9.37 -15.12
C ASN A 92 -11.92 -9.20 -13.86
N GLN A 93 -10.61 -9.20 -14.01
CA GLN A 93 -9.74 -9.06 -12.84
C GLN A 93 -9.85 -7.67 -12.21
N PHE A 94 -10.21 -6.67 -13.01
CA PHE A 94 -10.35 -5.30 -12.51
C PHE A 94 -11.78 -4.93 -12.15
N ALA A 95 -12.72 -5.80 -12.50
CA ALA A 95 -14.14 -5.56 -12.24
C ALA A 95 -14.40 -5.08 -10.82
N GLY A 96 -15.35 -4.16 -10.67
CA GLY A 96 -15.68 -3.63 -9.38
C GLY A 96 -15.12 -2.23 -9.18
N ILE A 97 -14.00 -1.93 -9.82
CA ILE A 97 -13.37 -0.62 -9.71
C ILE A 97 -13.04 -0.06 -11.09
N ASP A 98 -13.54 1.14 -11.38
CA ASP A 98 -13.29 1.76 -12.68
C ASP A 98 -12.58 3.10 -12.58
N GLY A 99 -11.91 3.49 -13.66
CA GLY A 99 -11.21 4.76 -13.68
C GLY A 99 -9.90 4.75 -12.92
N LYS A 100 -9.56 3.60 -12.34
CA LYS A 100 -8.31 3.47 -11.57
C LYS A 100 -8.06 2.02 -11.21
N ALA A 101 -6.87 1.72 -10.70
CA ALA A 101 -6.54 0.36 -10.31
C ALA A 101 -5.23 0.27 -9.55
N MET A 102 -5.00 -0.88 -8.95
CA MET A 102 -3.77 -1.11 -8.23
C MET A 102 -3.39 -2.58 -8.35
N VAL A 103 -2.10 -2.80 -8.55
CA VAL A 103 -1.57 -4.15 -8.69
C VAL A 103 -0.55 -4.30 -7.57
N THR A 104 -0.79 -5.26 -6.69
CA THR A 104 0.10 -5.50 -5.58
C THR A 104 0.86 -6.80 -5.77
N VAL A 105 2.16 -6.77 -5.50
CA VAL A 105 2.98 -7.96 -5.59
C VAL A 105 3.61 -8.22 -4.23
N PHE A 106 3.32 -9.38 -3.64
CA PHE A 106 3.93 -9.74 -2.36
C PHE A 106 5.10 -10.65 -2.68
N ASP A 107 6.25 -10.45 -2.04
CA ASP A 107 7.37 -11.36 -2.27
C ASP A 107 7.34 -12.29 -1.07
N HIS A 108 7.04 -13.56 -1.32
CA HIS A 108 6.96 -14.55 -0.25
C HIS A 108 8.16 -15.51 -0.20
N GLY A 109 9.26 -15.10 -0.81
CA GLY A 109 10.46 -15.95 -0.79
C GLY A 109 10.45 -17.01 -1.88
N ASP A 110 9.48 -17.92 -1.81
CA ASP A 110 9.37 -18.99 -2.80
C ASP A 110 8.36 -18.65 -3.89
N LYS A 111 7.48 -17.70 -3.61
CA LYS A 111 6.46 -17.31 -4.59
C LYS A 111 6.20 -15.82 -4.57
N TYR A 112 5.54 -15.34 -5.63
CA TYR A 112 5.15 -13.95 -5.73
C TYR A 112 3.62 -13.98 -5.81
N GLN A 113 2.96 -13.34 -4.85
CA GLN A 113 1.50 -13.31 -4.86
C GLN A 113 1.12 -11.99 -5.51
N VAL A 114 0.30 -12.07 -6.55
CA VAL A 114 -0.15 -10.85 -7.23
C VAL A 114 -1.63 -10.64 -6.98
N VAL A 115 -1.99 -9.41 -6.61
CA VAL A 115 -3.37 -9.07 -6.33
C VAL A 115 -3.76 -7.85 -7.15
N ILE A 116 -4.84 -7.98 -7.90
CA ILE A 116 -5.36 -6.87 -8.70
C ILE A 116 -6.46 -6.28 -7.84
N ASN A 117 -6.22 -5.09 -7.29
CA ASN A 117 -7.16 -4.43 -6.40
C ASN A 117 -7.28 -5.30 -5.15
N GLU A 118 -8.42 -5.96 -4.95
CA GLU A 118 -8.57 -6.81 -3.77
C GLU A 118 -8.53 -8.29 -4.12
N LYS A 119 -8.46 -8.59 -5.41
CA LYS A 119 -8.46 -9.98 -5.86
C LYS A 119 -7.11 -10.59 -6.19
N THR A 120 -6.77 -11.66 -5.49
CA THR A 120 -5.54 -12.37 -5.74
C THR A 120 -5.77 -13.14 -7.03
N VAL A 121 -4.96 -12.85 -8.05
CA VAL A 121 -5.13 -13.51 -9.34
C VAL A 121 -4.16 -14.67 -9.52
N ILE A 122 -3.14 -14.73 -8.68
CA ILE A 122 -2.18 -15.83 -8.80
C ILE A 122 -1.16 -15.91 -7.68
N GLN A 123 -0.78 -17.14 -7.35
CA GLN A 123 0.27 -17.41 -6.37
C GLN A 123 1.33 -17.98 -7.31
N TYR A 124 2.16 -17.10 -7.85
CA TYR A 124 3.21 -17.45 -8.82
C TYR A 124 4.49 -18.04 -8.24
N THR A 125 4.73 -19.33 -8.45
CA THR A 125 5.94 -19.95 -7.95
C THR A 125 7.10 -19.32 -8.71
N LYS A 126 8.10 -18.82 -7.99
CA LYS A 126 9.24 -18.17 -8.63
C LYS A 126 9.98 -19.11 -9.58
N GLN A 127 10.48 -18.56 -10.67
CA GLN A 127 11.26 -19.34 -11.63
C GLN A 127 12.68 -18.85 -11.45
N ILE A 128 12.81 -17.68 -10.80
CA ILE A 128 14.11 -17.08 -10.52
C ILE A 128 14.01 -16.42 -9.17
N SER A 129 15.03 -16.58 -8.34
CA SER A 129 15.03 -15.99 -7.00
C SER A 129 15.98 -14.80 -6.90
N GLY A 130 15.84 -14.05 -5.82
CA GLY A 130 16.69 -12.91 -5.61
C GLY A 130 15.91 -11.68 -5.20
N LEU A 131 16.64 -10.65 -4.76
CA LEU A 131 15.99 -9.42 -4.34
C LEU A 131 15.73 -8.51 -5.54
N THR A 132 14.66 -7.73 -5.43
CA THR A 132 14.29 -6.81 -6.49
C THR A 132 14.98 -5.47 -6.21
N SER A 133 15.79 -5.01 -7.17
CA SER A 133 16.52 -3.75 -6.99
C SER A 133 15.97 -2.61 -7.83
N SER A 134 15.11 -2.94 -8.80
CA SER A 134 14.51 -1.91 -9.65
C SER A 134 13.17 -2.37 -10.20
N LEU A 135 12.33 -1.39 -10.52
CA LEU A 135 11.00 -1.65 -11.04
C LEU A 135 10.84 -0.90 -12.36
N SER A 136 9.87 -1.31 -13.18
CA SER A 136 9.62 -0.60 -14.42
C SER A 136 8.19 -0.75 -14.86
N TYR A 137 7.72 0.25 -15.59
CA TYR A 137 6.38 0.30 -16.14
C TYR A 137 6.59 0.67 -17.61
N ASN A 138 6.30 -0.28 -18.50
CA ASN A 138 6.51 -0.06 -19.92
C ASN A 138 5.22 -0.11 -20.73
N ALA A 139 5.07 0.87 -21.61
CA ALA A 139 3.90 0.99 -22.47
C ALA A 139 3.96 2.31 -23.22
N THR A 140 3.12 2.48 -24.22
CA THR A 140 3.07 3.72 -24.97
C THR A 140 1.84 4.48 -24.50
N GLU A 141 1.83 5.79 -24.73
CA GLU A 141 0.71 6.63 -24.32
C GLU A 141 -0.61 6.14 -24.92
N GLU A 142 -0.55 5.67 -26.16
CA GLU A 142 -1.75 5.22 -26.86
C GLU A 142 -2.33 3.86 -26.52
N THR A 143 -1.52 2.92 -26.06
CA THR A 143 -2.04 1.58 -25.77
C THR A 143 -1.92 1.04 -24.35
N SER A 144 -1.54 1.88 -23.41
CA SER A 144 -1.42 1.39 -22.04
C SER A 144 -2.79 1.29 -21.38
N ILE A 145 -2.97 0.32 -20.48
CA ILE A 145 -4.25 0.22 -19.80
C ILE A 145 -4.21 1.08 -18.55
N PHE A 146 -3.04 1.62 -18.24
CA PHE A 146 -2.90 2.46 -17.06
C PHE A 146 -2.58 3.91 -17.40
N SER A 147 -2.56 4.75 -16.36
CA SER A 147 -2.27 6.17 -16.51
C SER A 147 -0.86 6.40 -17.03
N THR A 148 -0.61 7.59 -17.57
CA THR A 148 0.71 7.94 -18.12
C THR A 148 1.81 7.63 -17.12
N VAL A 149 1.55 7.97 -15.86
CA VAL A 149 2.50 7.72 -14.79
C VAL A 149 1.80 6.83 -13.78
N VAL A 150 2.54 5.84 -13.31
CA VAL A 150 2.04 4.88 -12.33
C VAL A 150 2.87 5.06 -11.06
N GLU A 151 2.20 5.15 -9.92
CA GLU A 151 2.92 5.34 -8.67
C GLU A 151 3.18 4.01 -8.01
N ALA A 152 4.45 3.72 -7.75
CA ALA A 152 4.86 2.49 -7.09
C ALA A 152 5.24 2.84 -5.66
N VAL A 153 4.64 2.09 -4.73
CA VAL A 153 4.89 2.27 -3.30
C VAL A 153 5.41 0.96 -2.75
N THR A 154 6.61 0.98 -2.19
CA THR A 154 7.17 -0.23 -1.64
C THR A 154 7.15 -0.16 -0.12
N TYR A 155 6.80 -1.28 0.50
CA TYR A 155 6.76 -1.43 1.95
C TYR A 155 7.85 -2.46 2.24
N THR A 156 9.00 -1.98 2.70
CA THR A 156 10.15 -2.87 2.96
C THR A 156 10.54 -3.06 4.41
N GLY A 157 11.37 -4.08 4.64
CA GLY A 157 11.84 -4.41 5.97
C GLY A 157 10.69 -4.93 6.81
N LEU A 158 9.70 -5.55 6.15
CA LEU A 158 8.51 -6.05 6.81
C LEU A 158 8.60 -7.42 7.48
N ALA A 159 9.39 -8.31 6.91
CA ALA A 159 9.56 -9.67 7.41
C ALA A 159 9.26 -9.86 8.90
N LEU A 160 8.25 -10.68 9.20
CA LEU A 160 7.87 -10.99 10.59
C LEU A 160 7.53 -12.46 10.74
N GLU A 161 8.41 -13.18 11.44
CA GLU A 161 8.21 -14.62 11.64
C GLU A 161 8.15 -15.03 13.11
N HIS A 162 7.29 -16.01 13.39
CA HIS A 162 7.16 -16.56 14.74
C HIS A 162 7.66 -17.99 14.64
N HIS A 163 8.82 -18.26 15.24
CA HIS A 163 9.44 -19.58 15.19
C HIS A 163 8.94 -20.52 16.28
N HIS A 164 8.39 -21.68 15.87
CA HIS A 164 7.90 -22.68 16.81
C HIS A 164 8.75 -23.93 16.61
N HIS A 165 9.43 -24.36 17.67
CA HIS A 165 10.30 -25.53 17.58
C HIS A 165 9.71 -26.76 18.25
N HIS A 166 9.95 -27.92 17.63
CA HIS A 166 9.44 -29.20 18.14
C HIS A 166 10.49 -30.29 17.99
N HIS A 167 10.37 -31.32 18.81
CA HIS A 167 11.30 -32.45 18.78
C HIS A 167 10.67 -33.65 19.48
N MET B 1 -3.86 -16.18 5.15
CA MET B 1 -3.58 -15.79 3.75
C MET B 1 -3.39 -14.28 3.65
N GLN B 2 -2.27 -13.86 3.07
CA GLN B 2 -2.02 -12.44 2.91
C GLN B 2 -3.10 -11.93 1.98
N GLY B 3 -3.54 -10.69 2.21
CA GLY B 3 -4.59 -10.14 1.38
C GLY B 3 -4.64 -8.63 1.42
N VAL B 4 -5.17 -8.06 0.35
CA VAL B 4 -5.30 -6.62 0.23
C VAL B 4 -6.77 -6.26 0.18
N ASN B 5 -7.15 -5.25 0.96
CA ASN B 5 -8.53 -4.78 0.98
C ASN B 5 -8.51 -3.28 0.72
N ILE B 6 -9.53 -2.78 0.04
CA ILE B 6 -9.64 -1.37 -0.30
C ILE B 6 -10.94 -0.79 0.24
N TYR B 7 -10.86 0.32 0.98
CA TYR B 7 -12.06 0.94 1.53
C TYR B 7 -12.10 2.45 1.29
N ASN B 8 -13.14 2.92 0.63
CA ASN B 8 -13.30 4.35 0.39
C ASN B 8 -14.03 4.89 1.59
N ILE B 9 -13.42 5.88 2.25
CA ILE B 9 -14.01 6.46 3.44
C ILE B 9 -14.31 7.94 3.26
N SER B 10 -15.59 8.30 3.38
CA SER B 10 -15.96 9.69 3.24
C SER B 10 -15.73 10.39 4.57
N ALA B 11 -15.39 11.66 4.50
CA ALA B 11 -15.14 12.46 5.69
C ALA B 11 -16.31 12.34 6.66
N GLY B 12 -16.02 11.95 7.90
CA GLY B 12 -17.07 11.83 8.89
C GLY B 12 -17.74 10.48 8.97
N THR B 13 -17.15 9.47 8.35
CA THR B 13 -17.71 8.13 8.38
C THR B 13 -16.64 7.13 8.78
N SER B 14 -17.08 5.93 9.14
CA SER B 14 -16.16 4.88 9.55
C SER B 14 -16.48 3.62 8.76
N VAL B 15 -15.53 2.71 8.70
CA VAL B 15 -15.76 1.46 7.97
C VAL B 15 -15.29 0.27 8.79
N ASP B 16 -15.99 -0.86 8.64
CA ASP B 16 -15.63 -2.09 9.34
C ASP B 16 -14.79 -2.93 8.39
N LEU B 17 -13.59 -3.29 8.82
CA LEU B 17 -12.67 -4.07 8.01
C LEU B 17 -13.17 -5.50 7.79
N ALA B 18 -12.90 -6.04 6.59
CA ALA B 18 -13.29 -7.40 6.27
C ALA B 18 -12.24 -8.31 6.92
N ALA B 19 -11.03 -7.78 7.04
CA ALA B 19 -9.93 -8.50 7.64
C ALA B 19 -9.29 -7.55 8.64
N PRO B 20 -9.21 -7.95 9.93
CA PRO B 20 -8.60 -7.08 10.94
C PRO B 20 -7.11 -6.88 10.74
N VAL B 21 -6.61 -5.76 11.27
CA VAL B 21 -5.19 -5.43 11.19
C VAL B 21 -4.55 -5.79 12.52
N THR B 22 -3.56 -6.68 12.49
CA THR B 22 -2.88 -7.09 13.70
C THR B 22 -1.38 -6.87 13.57
N THR B 23 -0.62 -7.35 14.56
CA THR B 23 0.83 -7.19 14.57
C THR B 23 1.51 -7.68 13.29
N GLY B 24 2.24 -6.78 12.64
CA GLY B 24 2.92 -7.13 11.41
C GLY B 24 2.13 -6.68 10.19
N ASP B 25 0.91 -6.20 10.40
CA ASP B 25 0.07 -5.75 9.30
C ASP B 25 0.24 -4.26 9.03
N ILE B 26 -0.36 -3.79 7.95
CA ILE B 26 -0.25 -2.39 7.53
C ILE B 26 -1.59 -1.81 7.08
N VAL B 27 -1.75 -0.51 7.30
CA VAL B 27 -2.94 0.22 6.86
C VAL B 27 -2.44 1.58 6.36
N THR B 28 -2.76 1.92 5.11
CA THR B 28 -2.34 3.19 4.55
C THR B 28 -3.55 3.98 4.08
N PHE B 29 -3.59 5.26 4.43
CA PHE B 29 -4.69 6.13 4.01
C PHE B 29 -4.17 7.01 2.87
N PHE B 30 -4.91 7.03 1.75
CA PHE B 30 -4.52 7.85 0.60
C PHE B 30 -5.47 9.02 0.40
N SER B 31 -4.91 10.21 0.24
CA SER B 31 -5.68 11.42 0.00
C SER B 31 -5.33 11.98 -1.37
N SER B 32 -6.35 12.33 -2.15
CA SER B 32 -6.13 12.87 -3.50
C SER B 32 -5.96 14.39 -3.47
N ALA B 33 -5.72 14.91 -2.27
CA ALA B 33 -5.51 16.35 -2.09
C ALA B 33 -4.70 16.64 -0.82
N LEU B 34 -4.15 17.84 -0.74
CA LEU B 34 -3.40 18.29 0.43
C LEU B 34 -3.72 19.76 0.60
N ASN B 35 -4.43 20.11 1.67
CA ASN B 35 -4.80 21.50 1.91
C ASN B 35 -4.18 21.97 3.22
N LEU B 36 -2.94 22.45 3.16
CA LEU B 36 -2.24 22.92 4.35
C LEU B 36 -2.54 24.38 4.63
N ASN B 37 -3.60 24.88 4.01
CA ASN B 37 -4.01 26.27 4.18
C ASN B 37 -5.51 26.26 4.41
N ALA B 38 -6.02 25.15 4.93
CA ALA B 38 -7.47 25.00 5.16
C ALA B 38 -8.00 25.79 6.35
N GLY B 39 -7.11 26.42 7.11
CA GLY B 39 -7.58 27.19 8.25
C GLY B 39 -7.54 26.37 9.52
N ALA B 40 -8.07 26.93 10.61
CA ALA B 40 -8.06 26.26 11.90
C ALA B 40 -9.07 25.12 12.05
N GLY B 41 -8.63 24.05 12.69
CA GLY B 41 -9.50 22.90 12.94
C GLY B 41 -10.48 23.26 14.02
N ASN B 42 -11.29 22.29 14.47
CA ASN B 42 -12.29 22.56 15.50
C ASN B 42 -12.36 21.55 16.65
N PRO B 43 -11.24 21.26 17.31
CA PRO B 43 -9.88 21.79 17.11
C PRO B 43 -9.09 21.06 16.02
N ASN B 44 -9.56 19.89 15.63
CA ASN B 44 -8.87 19.11 14.60
C ASN B 44 -9.34 19.46 13.20
N ASN B 45 -8.38 19.46 12.27
CA ASN B 45 -8.68 19.70 10.87
C ASN B 45 -9.07 18.33 10.31
N THR B 46 -8.29 17.33 10.70
CA THR B 46 -8.46 15.96 10.25
C THR B 46 -7.98 14.95 11.30
N THR B 47 -8.70 13.83 11.41
CA THR B 47 -8.29 12.77 12.33
C THR B 47 -8.48 11.45 11.62
N LEU B 48 -7.51 10.57 11.78
CA LEU B 48 -7.57 9.24 11.18
C LEU B 48 -7.62 8.36 12.40
N ASN B 49 -8.54 7.40 12.41
CA ASN B 49 -8.69 6.55 13.57
C ASN B 49 -8.68 5.05 13.32
N LEU B 50 -8.08 4.32 14.25
CA LEU B 50 -8.04 2.86 14.19
C LEU B 50 -8.80 2.40 15.42
N PHE B 51 -9.84 1.59 15.22
CA PHE B 51 -10.64 1.10 16.33
C PHE B 51 -10.48 -0.39 16.58
N ALA B 52 -10.32 -0.74 17.86
CA ALA B 52 -10.18 -2.13 18.25
C ALA B 52 -11.55 -2.81 18.15
N GLU B 53 -11.56 -4.13 18.22
CA GLU B 53 -12.80 -4.89 18.14
C GLU B 53 -13.75 -4.53 19.28
N ASN B 54 -13.20 -4.17 20.44
CA ASN B 54 -14.04 -3.81 21.58
C ASN B 54 -14.56 -2.38 21.54
N GLY B 55 -14.19 -1.64 20.49
CA GLY B 55 -14.66 -0.26 20.36
C GLY B 55 -13.70 0.83 20.81
N ALA B 56 -12.53 0.46 21.31
CA ALA B 56 -11.57 1.46 21.77
C ALA B 56 -10.85 2.17 20.61
N TYR B 57 -10.42 3.41 20.87
CA TYR B 57 -9.68 4.20 19.88
C TYR B 57 -8.25 3.73 20.04
N LEU B 58 -7.86 2.72 19.26
CA LEU B 58 -6.51 2.20 19.34
C LEU B 58 -5.51 3.31 19.03
N LEU B 59 -5.81 4.08 17.99
CA LEU B 59 -4.94 5.18 17.59
C LEU B 59 -5.66 6.27 16.83
N GLN B 60 -5.45 7.52 17.24
CA GLN B 60 -6.02 8.65 16.51
C GLN B 60 -4.84 9.52 16.07
N ILE B 61 -4.82 9.85 14.78
CA ILE B 61 -3.79 10.72 14.25
C ILE B 61 -4.57 12.00 13.96
N ALA B 62 -4.31 13.04 14.75
CA ALA B 62 -5.00 14.31 14.58
C ALA B 62 -4.10 15.44 14.11
N PHE B 63 -4.49 16.07 13.01
CA PHE B 63 -3.72 17.17 12.45
C PHE B 63 -4.37 18.50 12.81
N ARG B 64 -3.57 19.45 13.29
CA ARG B 64 -4.09 20.78 13.64
C ARG B 64 -3.18 21.86 13.06
N LEU B 65 -3.62 22.48 11.98
CA LEU B 65 -2.86 23.52 11.32
C LEU B 65 -2.63 24.74 12.21
N GLN B 66 -3.66 25.16 12.95
CA GLN B 66 -3.52 26.33 13.83
C GLN B 66 -2.54 26.09 14.97
N GLU B 67 -2.36 24.84 15.37
CA GLU B 67 -1.42 24.51 16.43
C GLU B 67 -0.11 24.06 15.81
N ASN B 68 -0.14 23.80 14.50
CA ASN B 68 1.05 23.34 13.77
C ASN B 68 1.56 22.10 14.50
N VAL B 69 0.72 21.09 14.60
CA VAL B 69 1.11 19.88 15.29
C VAL B 69 0.27 18.67 14.88
N ILE B 70 0.83 17.49 15.07
CA ILE B 70 0.12 16.25 14.79
C ILE B 70 0.03 15.60 16.17
N ILE B 71 -1.17 15.22 16.57
CA ILE B 71 -1.39 14.61 17.88
C ILE B 71 -1.75 13.13 17.76
N PHE B 72 -1.05 12.29 18.51
CA PHE B 72 -1.34 10.86 18.51
C PHE B 72 -1.85 10.52 19.92
N ASN B 73 -2.97 9.81 19.98
CA ASN B 73 -3.52 9.46 21.28
C ASN B 73 -4.45 8.25 21.21
N SER B 74 -4.93 7.80 22.37
CA SER B 74 -5.83 6.66 22.42
C SER B 74 -6.88 6.91 23.49
N ARG B 75 -7.93 6.09 23.53
CA ARG B 75 -8.99 6.23 24.54
C ARG B 75 -10.08 5.19 24.41
N GLN B 76 -10.86 5.03 25.48
CA GLN B 76 -11.99 4.13 25.46
C GLN B 76 -13.13 4.99 24.88
N PRO B 77 -14.08 4.37 24.16
CA PRO B 77 -15.18 5.14 23.57
C PRO B 77 -16.04 5.92 24.57
N ASP B 78 -16.09 5.47 25.81
CA ASP B 78 -16.86 6.14 26.85
C ASP B 78 -15.94 6.79 27.88
N GLY B 79 -14.64 6.73 27.61
CA GLY B 79 -13.65 7.31 28.53
C GLY B 79 -12.95 8.56 28.03
N PRO B 80 -12.04 9.12 28.83
CA PRO B 80 -11.28 10.34 28.46
C PRO B 80 -10.07 10.04 27.58
N TRP B 81 -9.67 11.01 26.77
CA TRP B 81 -8.48 10.81 25.96
C TRP B 81 -7.32 10.57 26.92
N LEU B 82 -6.35 9.75 26.49
CA LEU B 82 -5.22 9.43 27.35
C LEU B 82 -4.03 10.39 27.16
N VAL B 83 -2.81 9.91 27.35
CA VAL B 83 -1.64 10.79 27.24
C VAL B 83 -1.25 11.13 25.81
N GLU B 84 -1.44 12.40 25.45
CA GLU B 84 -1.13 12.89 24.11
C GLU B 84 0.35 12.91 23.74
N GLN B 85 0.63 12.47 22.50
CA GLN B 85 1.99 12.47 21.96
C GLN B 85 1.94 13.52 20.85
N ARG B 86 2.88 14.45 20.85
CA ARG B 86 2.86 15.49 19.82
C ARG B 86 4.09 15.58 18.94
N VAL B 87 3.87 15.96 17.68
CA VAL B 87 4.94 16.15 16.70
C VAL B 87 4.62 17.45 15.98
N SER B 88 5.51 18.44 16.10
CA SER B 88 5.29 19.75 15.50
C SER B 88 5.74 19.86 14.04
N ASP B 89 5.25 20.91 13.39
CA ASP B 89 5.58 21.20 11.99
C ASP B 89 4.84 20.23 11.07
N VAL B 90 3.56 20.50 10.84
CA VAL B 90 2.75 19.65 9.97
C VAL B 90 3.26 19.66 8.54
N ALA B 91 3.53 20.85 8.01
CA ALA B 91 4.02 20.99 6.63
C ALA B 91 5.27 20.17 6.38
N ASN B 92 6.24 20.25 7.28
CA ASN B 92 7.49 19.52 7.14
C ASN B 92 7.25 18.03 6.92
N GLN B 93 6.22 17.49 7.55
CA GLN B 93 5.94 16.07 7.41
C GLN B 93 5.51 15.67 5.99
N PHE B 94 4.81 16.55 5.29
CA PHE B 94 4.36 16.26 3.93
C PHE B 94 5.30 16.84 2.87
N ALA B 95 6.40 17.44 3.32
CA ALA B 95 7.36 18.04 2.42
C ALA B 95 7.81 17.11 1.30
N GLY B 96 7.90 17.66 0.10
CA GLY B 96 8.32 16.87 -1.05
C GLY B 96 7.21 16.52 -2.01
N ILE B 97 6.00 16.33 -1.48
CA ILE B 97 4.85 15.97 -2.30
C ILE B 97 3.67 16.92 -2.08
N ASP B 98 3.11 17.40 -3.17
CA ASP B 98 1.97 18.32 -3.10
C ASP B 98 0.78 17.72 -3.83
N GLY B 99 -0.40 18.27 -3.55
CA GLY B 99 -1.63 17.81 -4.18
C GLY B 99 -2.14 16.44 -3.77
N LYS B 100 -1.43 15.76 -2.88
CA LYS B 100 -1.84 14.43 -2.45
C LYS B 100 -1.01 14.02 -1.27
N ALA B 101 -1.37 12.90 -0.64
CA ALA B 101 -0.61 12.42 0.51
C ALA B 101 -1.04 11.01 0.90
N MET B 102 -0.20 10.36 1.71
CA MET B 102 -0.50 9.02 2.20
C MET B 102 0.01 8.93 3.63
N VAL B 103 -0.77 8.27 4.48
CA VAL B 103 -0.39 8.10 5.87
C VAL B 103 -0.38 6.60 6.11
N THR B 104 0.78 6.08 6.47
CA THR B 104 0.90 4.65 6.71
C THR B 104 1.10 4.33 8.17
N VAL B 105 0.39 3.31 8.65
CA VAL B 105 0.52 2.87 10.02
C VAL B 105 0.94 1.41 10.02
N PHE B 106 2.09 1.12 10.62
CA PHE B 106 2.57 -0.24 10.74
C PHE B 106 2.22 -0.67 12.16
N ASP B 107 1.61 -1.84 12.32
CA ASP B 107 1.29 -2.30 13.66
C ASP B 107 2.41 -3.24 14.07
N HIS B 108 3.27 -2.77 14.97
CA HIS B 108 4.39 -3.57 15.45
C HIS B 108 4.05 -4.27 16.76
N GLY B 109 2.77 -4.28 17.14
CA GLY B 109 2.38 -4.95 18.37
C GLY B 109 2.44 -4.09 19.62
N ASP B 110 3.65 -3.68 19.99
CA ASP B 110 3.84 -2.84 21.17
C ASP B 110 3.79 -1.36 20.77
N LYS B 111 4.02 -1.10 19.49
CA LYS B 111 4.02 0.28 19.01
C LYS B 111 3.38 0.37 17.63
N TYR B 112 2.99 1.58 17.26
CA TYR B 112 2.42 1.86 15.96
C TYR B 112 3.42 2.82 15.32
N GLN B 113 3.92 2.48 14.13
CA GLN B 113 4.86 3.33 13.43
C GLN B 113 4.05 4.10 12.38
N VAL B 114 3.98 5.42 12.52
CA VAL B 114 3.25 6.24 11.56
C VAL B 114 4.21 6.87 10.58
N VAL B 115 3.90 6.71 9.30
CA VAL B 115 4.73 7.23 8.23
C VAL B 115 3.89 8.10 7.31
N ILE B 116 4.33 9.34 7.11
CA ILE B 116 3.63 10.26 6.20
C ILE B 116 4.50 10.25 4.96
N ASN B 117 3.93 9.77 3.85
CA ASN B 117 4.67 9.63 2.60
C ASN B 117 5.86 8.70 2.86
N GLU B 118 7.08 9.23 2.86
CA GLU B 118 8.25 8.39 3.12
C GLU B 118 8.87 8.67 4.50
N LYS B 119 8.35 9.67 5.19
CA LYS B 119 8.91 10.05 6.49
C LYS B 119 8.21 9.50 7.74
N THR B 120 8.97 8.77 8.55
CA THR B 120 8.44 8.21 9.79
C THR B 120 8.26 9.39 10.74
N VAL B 121 7.02 9.68 11.11
CA VAL B 121 6.74 10.81 11.98
C VAL B 121 6.81 10.43 13.45
N ILE B 122 6.51 9.17 13.77
CA ILE B 122 6.53 8.76 15.16
C ILE B 122 6.47 7.25 15.38
N GLN B 123 7.14 6.80 16.44
CA GLN B 123 7.10 5.42 16.87
C GLN B 123 6.25 5.57 18.14
N TYR B 124 4.94 5.39 17.97
CA TYR B 124 3.97 5.55 19.06
C TYR B 124 3.82 4.32 19.95
N THR B 125 4.24 4.42 21.20
CA THR B 125 4.09 3.29 22.10
C THR B 125 2.59 3.21 22.39
N LYS B 126 2.01 2.03 22.23
CA LYS B 126 0.58 1.85 22.45
C LYS B 126 0.15 2.10 23.88
N GLN B 127 -1.01 2.73 24.02
CA GLN B 127 -1.60 2.99 25.33
C GLN B 127 -2.70 1.94 25.50
N ILE B 128 -3.15 1.40 24.36
CA ILE B 128 -4.18 0.34 24.34
C ILE B 128 -3.80 -0.68 23.26
N SER B 129 -3.73 -1.95 23.64
CA SER B 129 -3.38 -2.99 22.67
C SER B 129 -4.63 -3.60 22.02
N GLY B 130 -4.41 -4.47 21.04
CA GLY B 130 -5.52 -5.12 20.37
C GLY B 130 -5.47 -5.05 18.85
N LEU B 131 -6.38 -5.78 18.20
CA LEU B 131 -6.45 -5.78 16.74
C LEU B 131 -7.37 -4.66 16.27
N THR B 132 -7.05 -4.07 15.12
CA THR B 132 -7.88 -3.00 14.58
C THR B 132 -8.97 -3.65 13.74
N SER B 133 -10.22 -3.34 14.06
CA SER B 133 -11.38 -3.91 13.37
C SER B 133 -12.12 -2.91 12.51
N SER B 134 -11.88 -1.63 12.72
CA SER B 134 -12.54 -0.59 11.94
C SER B 134 -11.70 0.67 11.87
N LEU B 135 -12.07 1.54 10.94
CA LEU B 135 -11.34 2.79 10.72
C LEU B 135 -12.33 3.91 10.46
N SER B 136 -11.90 5.15 10.69
CA SER B 136 -12.73 6.31 10.43
C SER B 136 -11.85 7.49 10.06
N TYR B 137 -12.42 8.41 9.30
CA TYR B 137 -11.75 9.61 8.86
C TYR B 137 -12.73 10.74 9.14
N ASN B 138 -12.43 11.57 10.13
CA ASN B 138 -13.33 12.67 10.47
C ASN B 138 -12.75 14.01 10.11
N ALA B 139 -13.62 14.85 9.57
CA ALA B 139 -13.28 16.21 9.17
C ALA B 139 -14.51 16.80 8.49
N THR B 140 -14.46 18.10 8.26
CA THR B 140 -15.55 18.81 7.60
C THR B 140 -15.09 19.04 6.16
N GLU B 141 -16.01 19.50 5.32
CA GLU B 141 -15.68 19.77 3.92
C GLU B 141 -14.71 20.94 3.78
N GLU B 142 -14.90 21.96 4.59
CA GLU B 142 -14.06 23.16 4.49
C GLU B 142 -12.69 23.16 5.16
N THR B 143 -12.55 22.50 6.31
CA THR B 143 -11.27 22.53 7.01
C THR B 143 -10.38 21.28 7.01
N SER B 144 -10.72 20.25 6.25
CA SER B 144 -9.88 19.05 6.23
C SER B 144 -8.63 19.29 5.40
N ILE B 145 -7.54 18.62 5.75
CA ILE B 145 -6.32 18.77 4.97
C ILE B 145 -6.31 17.72 3.85
N PHE B 146 -7.25 16.78 3.92
CA PHE B 146 -7.29 15.73 2.91
C PHE B 146 -8.55 15.83 2.07
N SER B 147 -8.60 15.02 1.01
CA SER B 147 -9.74 15.01 0.09
C SER B 147 -11.01 14.54 0.79
N THR B 148 -12.15 14.94 0.24
CA THR B 148 -13.45 14.58 0.80
C THR B 148 -13.53 13.08 1.08
N VAL B 149 -13.01 12.28 0.16
CA VAL B 149 -12.99 10.84 0.33
C VAL B 149 -11.55 10.38 0.38
N VAL B 150 -11.22 9.60 1.40
CA VAL B 150 -9.88 9.07 1.58
C VAL B 150 -9.95 7.56 1.35
N GLU B 151 -8.98 7.02 0.62
CA GLU B 151 -8.97 5.58 0.34
C GLU B 151 -7.98 4.83 1.22
N ALA B 152 -8.49 3.92 2.04
CA ALA B 152 -7.64 3.13 2.92
C ALA B 152 -7.38 1.75 2.36
N VAL B 153 -6.11 1.36 2.34
CA VAL B 153 -5.72 0.06 1.85
C VAL B 153 -5.04 -0.72 2.97
N THR B 154 -5.50 -1.96 3.23
CA THR B 154 -4.91 -2.78 4.27
C THR B 154 -4.17 -3.97 3.70
N TYR B 155 -3.04 -4.28 4.30
CA TYR B 155 -2.23 -5.44 3.91
C TYR B 155 -2.26 -6.28 5.19
N THR B 156 -3.01 -7.37 5.13
CA THR B 156 -3.16 -8.24 6.30
C THR B 156 -2.69 -9.67 6.11
N GLY B 157 -2.65 -10.43 7.19
CA GLY B 157 -2.20 -11.81 7.15
C GLY B 157 -0.72 -11.89 6.82
N LEU B 158 0.04 -10.87 7.19
CA LEU B 158 1.46 -10.84 6.86
C LEU B 158 2.41 -11.61 7.78
N ALA B 159 2.13 -11.65 9.07
CA ALA B 159 3.02 -12.37 10.00
C ALA B 159 3.01 -13.85 9.62
N LEU B 160 4.11 -14.54 9.87
CA LEU B 160 4.20 -15.96 9.53
C LEU B 160 4.60 -16.87 10.68
N GLU B 161 3.92 -18.02 10.77
CA GLU B 161 4.22 -19.00 11.80
C GLU B 161 5.15 -20.03 11.16
N HIS B 162 6.40 -20.06 11.61
CA HIS B 162 7.38 -21.00 11.05
C HIS B 162 7.72 -22.13 12.00
N HIS B 163 7.15 -23.31 11.72
CA HIS B 163 7.38 -24.49 12.56
C HIS B 163 8.64 -25.24 12.14
N HIS B 164 9.42 -25.64 13.15
CA HIS B 164 10.67 -26.37 12.93
C HIS B 164 10.59 -27.69 13.71
N HIS B 165 10.85 -28.79 13.03
CA HIS B 165 10.81 -30.09 13.68
C HIS B 165 12.23 -30.67 13.71
N HIS B 166 12.70 -31.02 14.90
CA HIS B 166 14.04 -31.57 15.05
C HIS B 166 13.99 -33.06 15.34
C2 BGC C . 4.21 -16.47 -26.45
C3 BGC C . 4.17 -14.95 -26.35
C4 BGC C . 5.61 -14.42 -26.31
C5 BGC C . 6.33 -14.88 -27.62
C6 BGC C . 7.78 -14.40 -27.61
C1 BGC C . 4.97 -16.85 -27.74
O1 BGC C . 5.02 -18.27 -27.84
O2 BGC C . 2.86 -16.98 -26.51
O3 BGC C . 3.47 -14.57 -25.16
O4 BGC C . 5.57 -12.98 -26.22
O5 BGC C . 6.33 -16.33 -27.70
O6 BGC C . 8.45 -14.80 -28.80
C1 GAL C . 6.50 -12.51 -25.23
C2 GAL C . 6.54 -10.97 -25.31
C3 GAL C . 7.52 -10.45 -24.27
C4 GAL C . 7.06 -10.91 -22.87
C5 GAL C . 7.00 -12.46 -22.89
C6 GAL C . 6.53 -12.96 -21.52
O2 GAL C . 6.97 -10.57 -26.63
O3 GAL C . 7.57 -9.02 -24.32
O4 GAL C . 5.76 -10.36 -22.57
O5 GAL C . 6.07 -12.93 -23.91
O6 GAL C . 6.49 -14.39 -21.55
C2 BGC D . -5.81 18.89 24.97
C3 BGC D . -6.66 18.93 23.68
C4 BGC D . -7.83 17.92 23.84
C5 BGC D . -8.66 18.36 25.09
C6 BGC D . -9.82 17.38 25.32
C1 BGC D . -6.72 19.29 26.15
O1 BGC D . -5.96 19.26 27.35
O2 BGC D . -4.72 19.81 24.85
O3 BGC D . -5.84 18.55 22.57
O4 BGC D . -8.66 17.94 22.63
O5 BGC D . -7.83 18.36 26.29
O6 BGC D . -10.57 17.77 26.47
C1 GAL D . -9.02 16.62 22.21
C2 GAL D . -10.00 16.73 21.02
C3 GAL D . -10.39 15.31 20.58
C4 GAL D . -9.09 14.58 20.17
C5 GAL D . -8.14 14.55 21.37
C6 GAL D . -6.85 13.84 20.96
O2 GAL D . -11.19 17.45 21.43
O3 GAL D . -11.29 15.36 19.47
O4 GAL D . -8.47 15.27 19.07
O5 GAL D . -7.82 15.91 21.79
O6 GAL D . -5.93 13.81 22.07
#